data_2PZ8
#
_entry.id   2PZ8
#
_cell.length_a   107.183
_cell.length_b   96.507
_cell.length_c   68.633
_cell.angle_alpha   90.00
_cell.angle_beta   90.00
_cell.angle_gamma   90.00
#
_symmetry.space_group_name_H-M   'P 21 21 2'
#
loop_
_entity.id
_entity.type
_entity.pdbx_description
1 polymer 'NH(3)-dependent NAD(+) synthetase'
2 non-polymer 'MAGNESIUM ION'
3 non-polymer 'DIPHOSPHOMETHYLPHOSPHONIC ACID ADENOSYL ESTER'
4 non-polymer GLYCEROL
5 water water
#
_entity_poly.entity_id   1
_entity_poly.type   'polypeptide(L)'
_entity_poly.pdbx_seq_one_letter_code
;MTLQEQIMKALHVQPVIDPKAEIRKRVDFLKDYVKKTGAKGFVLGISGGQDSTLAGRLAQLAVEEIRNEGGNATFIAVRL
PYKVQKDEDDAQLALQFIQADQSVAFDIASTVDAFSNQYENLLDESLTDFNKGNVKARIRMVTQYAIGGQKGLLVIGTDH
AAEAVTGFFTKFGDGGADLLPLTGLTKRQGRALLQELGADERLYLKMPTADLLDEKPGQADETELGITYDQLDDYLEGKT
VPADVAEKIEKRYTVSEHKRQVPASMFDDWWKLAAALEHHHHHH
;
_entity_poly.pdbx_strand_id   A,B
#
# COMPACT_ATOMS: atom_id res chain seq x y z
N MET A 1 -11.93 3.67 -29.47
CA MET A 1 -11.14 3.10 -28.35
C MET A 1 -11.93 2.01 -27.64
N THR A 2 -11.75 0.76 -28.06
CA THR A 2 -12.46 -0.36 -27.44
C THR A 2 -11.93 -0.52 -26.01
N LEU A 3 -12.65 -1.28 -25.18
CA LEU A 3 -12.19 -1.48 -23.81
C LEU A 3 -10.81 -2.12 -23.85
N GLN A 4 -10.63 -3.10 -24.73
CA GLN A 4 -9.34 -3.78 -24.88
C GLN A 4 -8.23 -2.77 -25.19
N GLU A 5 -8.55 -1.78 -26.02
CA GLU A 5 -7.58 -0.77 -26.39
C GLU A 5 -7.32 0.23 -25.25
N GLN A 6 -8.33 0.49 -24.44
CA GLN A 6 -8.16 1.40 -23.32
C GLN A 6 -7.26 0.72 -22.29
N ILE A 7 -7.47 -0.59 -22.13
CA ILE A 7 -6.69 -1.37 -21.20
C ILE A 7 -5.23 -1.42 -21.65
N MET A 8 -5.01 -1.66 -22.94
CA MET A 8 -3.66 -1.72 -23.48
C MET A 8 -2.94 -0.39 -23.24
N LYS A 9 -3.65 0.70 -23.44
CA LYS A 9 -3.07 2.03 -23.25
C LYS A 9 -2.80 2.31 -21.78
N ALA A 10 -3.81 2.08 -20.95
CA ALA A 10 -3.69 2.32 -19.52
C ALA A 10 -2.53 1.52 -18.90
N LEU A 11 -2.33 0.30 -19.38
CA LEU A 11 -1.27 -0.55 -18.85
C LEU A 11 0.07 -0.42 -19.57
N HIS A 12 0.15 0.52 -20.50
CA HIS A 12 1.36 0.78 -21.25
C HIS A 12 1.91 -0.42 -22.03
N VAL A 13 1.02 -1.21 -22.62
CA VAL A 13 1.42 -2.38 -23.37
C VAL A 13 1.96 -2.03 -24.76
N GLN A 14 3.08 -2.65 -25.12
CA GLN A 14 3.70 -2.46 -26.42
C GLN A 14 3.51 -3.81 -27.12
N PRO A 15 2.63 -3.86 -28.12
CA PRO A 15 2.36 -5.10 -28.87
C PRO A 15 3.61 -5.78 -29.39
N VAL A 16 4.57 -4.99 -29.86
CA VAL A 16 5.81 -5.52 -30.36
C VAL A 16 6.96 -4.83 -29.63
N ILE A 17 7.94 -5.60 -29.20
CA ILE A 17 9.08 -5.04 -28.49
C ILE A 17 10.39 -5.63 -28.97
N ASP A 18 11.47 -4.94 -28.59
CA ASP A 18 12.83 -5.36 -28.90
C ASP A 18 13.38 -5.59 -27.50
N PRO A 19 13.60 -6.86 -27.12
CA PRO A 19 14.13 -7.25 -25.82
C PRO A 19 15.37 -6.51 -25.33
N LYS A 20 16.34 -6.30 -26.22
CA LYS A 20 17.55 -5.58 -25.82
C LYS A 20 17.20 -4.15 -25.44
N ALA A 21 16.33 -3.53 -26.23
CA ALA A 21 15.91 -2.15 -25.99
C ALA A 21 15.10 -2.03 -24.71
N GLU A 22 14.20 -2.99 -24.48
CA GLU A 22 13.37 -2.96 -23.27
C GLU A 22 14.26 -3.05 -22.03
N ILE A 23 15.25 -3.93 -22.07
CA ILE A 23 16.16 -4.12 -20.94
C ILE A 23 16.92 -2.82 -20.66
N ARG A 24 17.34 -2.14 -21.72
CA ARG A 24 18.06 -0.87 -21.62
C ARG A 24 17.19 0.20 -20.95
N LYS A 25 15.95 0.31 -21.41
CA LYS A 25 15.03 1.30 -20.87
C LYS A 25 14.66 1.05 -19.42
N ARG A 26 14.47 -0.22 -19.09
CA ARG A 26 14.08 -0.60 -17.72
C ARG A 26 15.23 -0.52 -16.73
N VAL A 27 16.45 -0.79 -17.18
CA VAL A 27 17.61 -0.66 -16.31
C VAL A 27 17.85 0.85 -16.13
N ASP A 28 17.67 1.61 -17.20
CA ASP A 28 17.83 3.07 -17.14
C ASP A 28 16.82 3.67 -16.17
N PHE A 29 15.60 3.14 -16.19
CA PHE A 29 14.56 3.63 -15.29
C PHE A 29 14.99 3.45 -13.83
N LEU A 30 15.44 2.26 -13.48
CA LEU A 30 15.85 2.00 -12.10
C LEU A 30 16.95 2.98 -11.69
N LYS A 31 17.89 3.24 -12.59
CA LYS A 31 18.99 4.17 -12.30
C LYS A 31 18.49 5.61 -12.17
N ASP A 32 17.62 6.03 -13.07
CA ASP A 32 17.11 7.39 -13.05
C ASP A 32 16.30 7.66 -11.79
N TYR A 33 15.44 6.72 -11.41
CA TYR A 33 14.63 6.93 -10.21
C TYR A 33 15.49 6.99 -8.95
N VAL A 34 16.35 5.99 -8.75
CA VAL A 34 17.19 5.96 -7.56
C VAL A 34 18.09 7.21 -7.44
N LYS A 35 18.55 7.73 -8.56
CA LYS A 35 19.39 8.92 -8.54
C LYS A 35 18.61 10.11 -7.99
N LYS A 36 17.31 10.14 -8.30
CA LYS A 36 16.43 11.22 -7.86
C LYS A 36 16.22 11.20 -6.34
N THR A 37 16.18 10.00 -5.78
CA THR A 37 15.93 9.81 -4.34
C THR A 37 17.15 9.83 -3.44
N GLY A 38 18.33 9.57 -4.00
CA GLY A 38 19.52 9.55 -3.17
C GLY A 38 19.59 8.29 -2.30
N ALA A 39 18.88 7.24 -2.70
CA ALA A 39 18.89 5.98 -1.96
C ALA A 39 20.19 5.24 -2.26
N LYS A 40 20.50 4.23 -1.46
CA LYS A 40 21.73 3.46 -1.63
C LYS A 40 21.61 2.18 -2.44
N GLY A 41 20.44 1.93 -3.03
CA GLY A 41 20.24 0.72 -3.81
C GLY A 41 18.83 0.20 -3.77
N PHE A 42 18.68 -1.10 -4.02
CA PHE A 42 17.36 -1.75 -4.04
C PHE A 42 17.32 -3.04 -3.21
N VAL A 43 16.10 -3.47 -2.91
CA VAL A 43 15.87 -4.71 -2.17
C VAL A 43 14.68 -5.37 -2.87
N LEU A 44 14.73 -6.70 -2.97
CA LEU A 44 13.65 -7.42 -3.63
C LEU A 44 13.56 -8.88 -3.22
N GLY A 45 12.33 -9.34 -3.00
CA GLY A 45 12.11 -10.73 -2.64
C GLY A 45 12.27 -11.58 -3.88
N ILE A 46 13.09 -12.62 -3.80
CA ILE A 46 13.33 -13.52 -4.91
C ILE A 46 12.64 -14.85 -4.58
N SER A 47 11.61 -15.19 -5.35
CA SER A 47 10.83 -16.40 -5.12
C SER A 47 11.18 -17.61 -5.96
N GLY A 48 11.93 -17.39 -7.03
CA GLY A 48 12.28 -18.50 -7.91
C GLY A 48 11.34 -18.42 -9.10
N GLY A 49 10.37 -17.51 -9.00
CA GLY A 49 9.40 -17.31 -10.05
C GLY A 49 9.91 -16.32 -11.09
N GLN A 50 9.32 -16.38 -12.29
CA GLN A 50 9.69 -15.52 -13.41
C GLN A 50 9.83 -14.01 -13.17
N ASP A 51 8.80 -13.40 -12.59
CA ASP A 51 8.81 -11.95 -12.37
C ASP A 51 9.95 -11.42 -11.51
N SER A 52 10.18 -12.04 -10.34
CA SER A 52 11.24 -11.59 -9.45
C SER A 52 12.61 -11.97 -10.02
N THR A 53 12.66 -13.06 -10.79
CA THR A 53 13.91 -13.46 -11.42
C THR A 53 14.33 -12.37 -12.41
N LEU A 54 13.38 -11.90 -13.22
CA LEU A 54 13.67 -10.87 -14.20
C LEU A 54 13.94 -9.52 -13.54
N ALA A 55 13.07 -9.12 -12.61
CA ALA A 55 13.22 -7.84 -11.92
C ALA A 55 14.51 -7.81 -11.13
N GLY A 56 14.89 -8.97 -10.59
CA GLY A 56 16.11 -9.05 -9.81
C GLY A 56 17.35 -8.85 -10.66
N ARG A 57 17.38 -9.46 -11.83
CA ARG A 57 18.54 -9.32 -12.71
C ARG A 57 18.66 -7.87 -13.18
N LEU A 58 17.52 -7.23 -13.45
CA LEU A 58 17.53 -5.85 -13.90
C LEU A 58 18.11 -4.95 -12.81
N ALA A 59 17.79 -5.24 -11.55
CA ALA A 59 18.27 -4.48 -10.42
C ALA A 59 19.78 -4.63 -10.22
N GLN A 60 20.28 -5.85 -10.41
CA GLN A 60 21.71 -6.10 -10.25
C GLN A 60 22.46 -5.38 -11.36
N LEU A 61 21.91 -5.42 -12.58
CA LEU A 61 22.54 -4.74 -13.70
C LEU A 61 22.58 -3.23 -13.44
N ALA A 62 21.50 -2.71 -12.86
CA ALA A 62 21.42 -1.29 -12.56
C ALA A 62 22.49 -0.81 -11.57
N VAL A 63 22.60 -1.50 -10.42
CA VAL A 63 23.58 -1.10 -9.41
C VAL A 63 25.01 -1.23 -9.92
N GLU A 64 25.27 -2.25 -10.74
CA GLU A 64 26.61 -2.43 -11.29
C GLU A 64 26.91 -1.23 -12.20
N GLU A 65 25.91 -0.79 -12.97
CA GLU A 65 26.11 0.36 -13.84
C GLU A 65 26.29 1.64 -13.02
N ILE A 66 25.53 1.75 -11.93
CA ILE A 66 25.63 2.92 -11.06
C ILE A 66 27.05 2.99 -10.48
N ARG A 67 27.57 1.85 -10.05
CA ARG A 67 28.92 1.82 -9.51
C ARG A 67 29.95 2.16 -10.60
N ASN A 68 29.72 1.67 -11.82
CA ASN A 68 30.65 1.96 -12.90
C ASN A 68 30.66 3.43 -13.30
N GLU A 69 29.55 4.12 -13.01
CA GLU A 69 29.45 5.53 -13.33
C GLU A 69 30.00 6.38 -12.19
N GLY A 70 30.57 5.72 -11.19
CA GLY A 70 31.15 6.42 -10.05
C GLY A 70 30.24 6.57 -8.86
N GLY A 71 29.09 5.90 -8.89
CA GLY A 71 28.15 6.00 -7.78
C GLY A 71 28.33 4.96 -6.70
N ASN A 72 27.40 4.96 -5.75
CA ASN A 72 27.41 4.02 -4.65
C ASN A 72 26.05 3.35 -4.63
N ALA A 73 26.03 2.03 -4.83
CA ALA A 73 24.77 1.30 -4.84
C ALA A 73 24.96 -0.19 -4.56
N THR A 74 23.92 -0.80 -3.98
CA THR A 74 23.94 -2.21 -3.67
C THR A 74 22.56 -2.80 -3.89
N PHE A 75 22.50 -4.07 -4.27
CA PHE A 75 21.23 -4.75 -4.46
C PHE A 75 21.21 -5.93 -3.50
N ILE A 76 20.15 -6.03 -2.71
CA ILE A 76 20.03 -7.16 -1.80
C ILE A 76 18.86 -8.03 -2.22
N ALA A 77 19.14 -9.29 -2.57
CA ALA A 77 18.09 -10.23 -2.95
C ALA A 77 17.68 -10.96 -1.68
N VAL A 78 16.38 -11.04 -1.42
CA VAL A 78 15.93 -11.70 -0.20
C VAL A 78 14.97 -12.87 -0.38
N ARG A 79 15.34 -14.01 0.20
CA ARG A 79 14.52 -15.22 0.15
C ARG A 79 13.49 -15.04 1.27
N LEU A 80 12.22 -15.20 0.96
CA LEU A 80 11.15 -15.03 1.97
C LEU A 80 10.21 -16.23 2.03
N PRO A 81 10.74 -17.41 2.34
CA PRO A 81 9.85 -18.56 2.41
C PRO A 81 8.99 -18.56 3.66
N TYR A 82 7.89 -19.30 3.59
CA TYR A 82 7.01 -19.50 4.73
C TYR A 82 7.39 -20.94 5.06
N LYS A 83 8.10 -21.13 6.16
CA LYS A 83 8.58 -22.45 6.54
C LYS A 83 9.47 -22.97 5.41
N VAL A 84 9.33 -24.24 5.04
CA VAL A 84 10.14 -24.78 3.95
C VAL A 84 9.41 -24.54 2.63
N GLN A 85 10.02 -23.76 1.74
CA GLN A 85 9.39 -23.47 0.46
C GLN A 85 9.49 -24.67 -0.48
N LYS A 86 8.33 -25.07 -1.02
CA LYS A 86 8.23 -26.20 -1.94
C LYS A 86 9.24 -26.20 -3.08
N ASP A 87 9.45 -25.03 -3.69
CA ASP A 87 10.37 -24.91 -4.81
C ASP A 87 11.64 -24.11 -4.49
N GLU A 88 12.20 -24.34 -3.31
CA GLU A 88 13.42 -23.65 -2.89
C GLU A 88 14.51 -23.81 -3.96
N ASP A 89 14.55 -24.98 -4.60
CA ASP A 89 15.55 -25.23 -5.62
C ASP A 89 15.46 -24.22 -6.75
N ASP A 90 14.24 -23.91 -7.21
CA ASP A 90 14.07 -22.94 -8.28
C ASP A 90 14.49 -21.55 -7.82
N ALA A 91 14.31 -21.28 -6.53
CA ALA A 91 14.70 -19.98 -5.99
C ALA A 91 16.22 -19.89 -6.02
N GLN A 92 16.89 -20.98 -5.66
CA GLN A 92 18.35 -20.99 -5.67
C GLN A 92 18.86 -20.82 -7.10
N LEU A 93 18.14 -21.40 -8.06
CA LEU A 93 18.53 -21.30 -9.47
C LEU A 93 18.39 -19.85 -9.92
N ALA A 94 17.37 -19.16 -9.44
CA ALA A 94 17.14 -17.77 -9.78
C ALA A 94 18.29 -16.94 -9.19
N LEU A 95 18.66 -17.24 -7.95
CA LEU A 95 19.75 -16.53 -7.30
C LEU A 95 21.05 -16.71 -8.08
N GLN A 96 21.28 -17.91 -8.60
CA GLN A 96 22.49 -18.19 -9.38
C GLN A 96 22.53 -17.34 -10.66
N PHE A 97 21.36 -17.07 -11.23
CA PHE A 97 21.25 -16.27 -12.44
C PHE A 97 21.36 -14.77 -12.15
N ILE A 98 20.71 -14.34 -11.07
CA ILE A 98 20.72 -12.94 -10.68
C ILE A 98 22.11 -12.43 -10.27
N GLN A 99 22.86 -13.26 -9.55
CA GLN A 99 24.18 -12.88 -9.08
C GLN A 99 24.12 -11.55 -8.34
N ALA A 100 23.26 -11.49 -7.33
CA ALA A 100 23.07 -10.28 -6.53
C ALA A 100 24.28 -9.94 -5.66
N ASP A 101 24.43 -8.65 -5.34
CA ASP A 101 25.54 -8.20 -4.49
C ASP A 101 25.44 -8.91 -3.15
N GLN A 102 24.22 -8.98 -2.61
CA GLN A 102 23.98 -9.62 -1.33
C GLN A 102 22.68 -10.41 -1.38
N SER A 103 22.61 -11.50 -0.62
CA SER A 103 21.38 -12.27 -0.55
C SER A 103 21.24 -12.71 0.90
N VAL A 104 20.00 -12.83 1.35
CA VAL A 104 19.73 -13.24 2.72
C VAL A 104 18.41 -13.99 2.77
N ALA A 105 18.27 -14.88 3.73
CA ALA A 105 17.05 -15.68 3.88
C ALA A 105 16.30 -15.25 5.13
N PHE A 106 15.00 -15.00 4.97
CA PHE A 106 14.17 -14.57 6.09
C PHE A 106 12.86 -15.37 6.09
N ASP A 107 12.77 -16.35 6.98
CA ASP A 107 11.57 -17.17 7.11
C ASP A 107 10.49 -16.28 7.74
N ILE A 108 9.37 -16.12 7.06
CA ILE A 108 8.30 -15.27 7.58
C ILE A 108 7.30 -16.03 8.44
N ALA A 109 7.48 -17.34 8.59
CA ALA A 109 6.55 -18.15 9.38
C ALA A 109 6.27 -17.67 10.80
N SER A 110 7.31 -17.44 11.60
CA SER A 110 7.08 -17.01 12.98
C SER A 110 6.20 -15.75 13.08
N THR A 111 6.38 -14.81 12.15
CA THR A 111 5.60 -13.59 12.16
C THR A 111 4.16 -13.87 11.74
N VAL A 112 3.99 -14.54 10.60
CA VAL A 112 2.66 -14.86 10.09
C VAL A 112 1.87 -15.71 11.09
N ASP A 113 2.55 -16.70 11.68
CA ASP A 113 1.91 -17.59 12.64
C ASP A 113 1.56 -16.87 13.93
N ALA A 114 2.42 -15.95 14.36
CA ALA A 114 2.12 -15.20 15.58
C ALA A 114 0.84 -14.43 15.34
N PHE A 115 0.69 -13.87 14.14
CA PHE A 115 -0.50 -13.11 13.80
C PHE A 115 -1.76 -13.97 13.72
N SER A 116 -1.68 -15.06 12.96
CA SER A 116 -2.84 -15.94 12.81
C SER A 116 -3.29 -16.51 14.15
N ASN A 117 -2.35 -16.90 15.00
CA ASN A 117 -2.69 -17.44 16.31
C ASN A 117 -3.41 -16.38 17.15
N GLN A 118 -2.89 -15.16 17.12
CA GLN A 118 -3.48 -14.05 17.87
C GLN A 118 -4.88 -13.76 17.34
N TYR A 119 -5.05 -13.81 16.02
CA TYR A 119 -6.34 -13.55 15.40
C TYR A 119 -7.35 -14.60 15.86
N GLU A 120 -6.95 -15.85 15.80
CA GLU A 120 -7.80 -16.96 16.19
C GLU A 120 -8.23 -16.82 17.65
N ASN A 121 -7.28 -16.45 18.49
CA ASN A 121 -7.52 -16.28 19.92
C ASN A 121 -8.41 -15.10 20.29
N LEU A 122 -8.30 -14.00 19.54
CA LEU A 122 -9.09 -12.81 19.85
C LEU A 122 -10.36 -12.64 19.02
N LEU A 123 -10.38 -13.16 17.80
CA LEU A 123 -11.56 -13.03 16.95
C LEU A 123 -12.48 -14.24 16.99
N ASP A 124 -12.11 -15.25 17.76
CA ASP A 124 -12.91 -16.47 17.89
C ASP A 124 -13.18 -17.20 16.58
N GLU A 125 -12.27 -17.07 15.62
CA GLU A 125 -12.40 -17.75 14.35
C GLU A 125 -11.02 -17.86 13.72
N SER A 126 -10.86 -18.85 12.86
CA SER A 126 -9.58 -19.05 12.20
C SER A 126 -9.61 -18.35 10.84
N LEU A 127 -8.44 -17.90 10.39
CA LEU A 127 -8.32 -17.25 9.10
C LEU A 127 -8.54 -18.28 8.01
N THR A 128 -9.30 -17.91 6.98
CA THR A 128 -9.51 -18.82 5.87
C THR A 128 -8.11 -18.97 5.27
N ASP A 129 -7.90 -20.01 4.47
CA ASP A 129 -6.59 -20.22 3.87
C ASP A 129 -6.23 -19.02 3.00
N PHE A 130 -7.20 -18.51 2.26
CA PHE A 130 -6.97 -17.35 1.41
C PHE A 130 -6.52 -16.12 2.18
N ASN A 131 -7.22 -15.79 3.25
CA ASN A 131 -6.86 -14.61 4.02
C ASN A 131 -5.52 -14.71 4.74
N LYS A 132 -5.15 -15.93 5.15
CA LYS A 132 -3.85 -16.10 5.80
C LYS A 132 -2.81 -15.92 4.69
N GLY A 133 -3.18 -16.31 3.48
CA GLY A 133 -2.28 -16.18 2.36
C GLY A 133 -1.94 -14.71 2.15
N ASN A 134 -2.94 -13.85 2.26
CA ASN A 134 -2.70 -12.42 2.10
C ASN A 134 -1.85 -11.87 3.22
N VAL A 135 -1.96 -12.48 4.40
CA VAL A 135 -1.14 -12.04 5.52
C VAL A 135 0.31 -12.31 5.13
N LYS A 136 0.57 -13.48 4.54
CA LYS A 136 1.91 -13.84 4.13
C LYS A 136 2.49 -12.81 3.16
N ALA A 137 1.71 -12.45 2.15
CA ALA A 137 2.15 -11.46 1.16
C ALA A 137 2.46 -10.12 1.81
N ARG A 138 1.62 -9.70 2.76
CA ARG A 138 1.82 -8.43 3.43
C ARG A 138 3.04 -8.47 4.36
N ILE A 139 3.31 -9.61 4.97
CA ILE A 139 4.46 -9.72 5.83
C ILE A 139 5.71 -9.67 4.96
N ARG A 140 5.62 -10.17 3.72
CA ARG A 140 6.77 -10.11 2.84
C ARG A 140 7.07 -8.65 2.51
N MET A 141 6.02 -7.84 2.36
CA MET A 141 6.17 -6.41 2.09
C MET A 141 6.83 -5.77 3.30
N VAL A 142 6.33 -6.10 4.48
CA VAL A 142 6.88 -5.57 5.72
C VAL A 142 8.37 -5.87 5.84
N THR A 143 8.75 -7.11 5.54
CA THR A 143 10.14 -7.51 5.63
C THR A 143 11.03 -6.70 4.68
N GLN A 144 10.59 -6.55 3.43
CA GLN A 144 11.36 -5.81 2.44
C GLN A 144 11.48 -4.33 2.77
N TYR A 145 10.43 -3.75 3.35
CA TYR A 145 10.50 -2.35 3.70
C TYR A 145 11.37 -2.14 4.96
N ALA A 146 11.40 -3.13 5.85
CA ALA A 146 12.21 -3.03 7.05
C ALA A 146 13.68 -3.04 6.61
N ILE A 147 14.03 -3.97 5.74
CA ILE A 147 15.39 -4.05 5.25
C ILE A 147 15.70 -2.79 4.46
N GLY A 148 14.74 -2.32 3.67
CA GLY A 148 14.96 -1.10 2.91
C GLY A 148 15.13 0.09 3.83
N GLY A 149 14.35 0.12 4.90
CA GLY A 149 14.43 1.23 5.84
C GLY A 149 15.76 1.24 6.59
N GLN A 150 16.22 0.07 6.99
CA GLN A 150 17.48 -0.08 7.70
C GLN A 150 18.71 0.21 6.84
N LYS A 151 18.66 -0.14 5.56
CA LYS A 151 19.80 0.05 4.67
C LYS A 151 19.69 1.19 3.66
N GLY A 152 18.58 1.93 3.70
CA GLY A 152 18.39 3.03 2.77
C GLY A 152 18.20 2.55 1.33
N LEU A 153 17.44 1.47 1.16
CA LEU A 153 17.21 0.91 -0.16
C LEU A 153 15.75 1.04 -0.59
N LEU A 154 15.53 1.13 -1.89
CA LEU A 154 14.17 1.24 -2.42
C LEU A 154 13.64 -0.17 -2.67
N VAL A 155 12.35 -0.36 -2.45
CA VAL A 155 11.73 -1.65 -2.66
C VAL A 155 11.22 -1.79 -4.09
N ILE A 156 11.70 -2.81 -4.78
CA ILE A 156 11.27 -3.04 -6.15
C ILE A 156 10.01 -3.90 -6.19
N GLY A 157 9.07 -3.51 -7.06
CA GLY A 157 7.83 -4.24 -7.23
C GLY A 157 7.92 -4.98 -8.56
N THR A 158 7.25 -6.12 -8.67
CA THR A 158 7.31 -6.92 -9.88
C THR A 158 6.06 -6.88 -10.73
N ASP A 159 5.23 -5.86 -10.55
CA ASP A 159 4.00 -5.74 -11.31
C ASP A 159 4.27 -5.55 -12.80
N HIS A 160 3.37 -6.10 -13.62
CA HIS A 160 3.45 -5.99 -15.07
C HIS A 160 2.04 -6.08 -15.62
N ALA A 161 1.90 -5.90 -16.93
CA ALA A 161 0.57 -5.91 -17.56
C ALA A 161 -0.23 -7.19 -17.36
N ALA A 162 0.41 -8.35 -17.47
CA ALA A 162 -0.29 -9.62 -17.33
C ALA A 162 -0.87 -9.85 -15.94
N GLU A 163 -0.32 -9.14 -14.96
CA GLU A 163 -0.77 -9.25 -13.57
C GLU A 163 -1.69 -8.07 -13.25
N ALA A 164 -1.35 -6.91 -13.79
CA ALA A 164 -2.11 -5.70 -13.55
C ALA A 164 -3.52 -5.74 -14.12
N VAL A 165 -3.67 -6.33 -15.30
CA VAL A 165 -4.98 -6.39 -15.94
C VAL A 165 -6.00 -7.20 -15.15
N THR A 166 -5.53 -8.19 -14.40
CA THR A 166 -6.43 -9.03 -13.61
C THR A 166 -6.41 -8.65 -12.12
N GLY A 167 -5.58 -7.66 -11.78
CA GLY A 167 -5.47 -7.26 -10.38
C GLY A 167 -5.03 -8.46 -9.57
N PHE A 168 -4.16 -9.27 -10.17
CA PHE A 168 -3.68 -10.49 -9.53
C PHE A 168 -2.47 -10.25 -8.65
N PHE A 169 -2.71 -9.62 -7.51
CA PHE A 169 -1.67 -9.32 -6.53
C PHE A 169 -2.37 -8.88 -5.25
N THR A 170 -1.68 -8.95 -4.13
CA THR A 170 -2.27 -8.57 -2.85
C THR A 170 -2.09 -7.08 -2.59
N LYS A 171 -3.20 -6.39 -2.35
CA LYS A 171 -3.16 -4.96 -2.08
C LYS A 171 -2.28 -4.70 -0.85
N PHE A 172 -1.24 -3.89 -1.02
CA PHE A 172 -0.31 -3.57 0.05
C PHE A 172 0.52 -4.78 0.48
N GLY A 173 0.53 -5.79 -0.40
CA GLY A 173 1.32 -6.99 -0.19
C GLY A 173 2.39 -6.87 -1.25
N ASP A 174 2.39 -7.75 -2.25
CA ASP A 174 3.37 -7.64 -3.32
C ASP A 174 3.02 -6.42 -4.18
N GLY A 175 1.81 -5.89 -3.98
CA GLY A 175 1.41 -4.71 -4.71
C GLY A 175 2.07 -3.48 -4.13
N GLY A 176 2.55 -3.60 -2.89
CA GLY A 176 3.23 -2.49 -2.23
C GLY A 176 4.71 -2.44 -2.54
N ALA A 177 5.14 -1.39 -3.25
CA ALA A 177 6.53 -1.22 -3.62
C ALA A 177 6.80 0.24 -3.98
N ASP A 178 8.08 0.58 -4.18
CA ASP A 178 8.44 1.96 -4.53
C ASP A 178 8.51 2.22 -6.04
N LEU A 179 9.02 1.25 -6.80
CA LEU A 179 9.15 1.41 -8.26
C LEU A 179 8.99 0.07 -9.00
N LEU A 180 8.46 0.15 -10.22
CA LEU A 180 8.16 -1.03 -11.03
C LEU A 180 8.88 -1.07 -12.38
N PRO A 181 9.94 -1.87 -12.49
CA PRO A 181 10.67 -1.93 -13.76
C PRO A 181 10.00 -2.78 -14.85
N LEU A 182 9.03 -3.60 -14.46
CA LEU A 182 8.37 -4.50 -15.41
C LEU A 182 7.03 -3.99 -15.97
N THR A 183 6.63 -2.79 -15.58
CA THR A 183 5.37 -2.23 -16.03
C THR A 183 5.14 -2.28 -17.54
N GLY A 184 3.95 -2.73 -17.94
CA GLY A 184 3.63 -2.80 -19.36
C GLY A 184 3.94 -4.10 -20.09
N LEU A 185 4.84 -4.90 -19.52
CA LEU A 185 5.23 -6.17 -20.14
C LEU A 185 4.19 -7.28 -19.99
N THR A 186 3.99 -8.07 -21.04
CA THR A 186 3.07 -9.20 -20.98
C THR A 186 3.92 -10.34 -20.43
N LYS A 187 3.29 -11.45 -20.09
CA LYS A 187 4.03 -12.57 -19.53
C LYS A 187 5.06 -13.13 -20.50
N ARG A 188 4.67 -13.32 -21.75
CA ARG A 188 5.59 -13.86 -22.74
C ARG A 188 6.74 -12.89 -23.03
N GLN A 189 6.45 -11.59 -23.01
CA GLN A 189 7.51 -10.61 -23.25
C GLN A 189 8.52 -10.72 -22.11
N GLY A 190 8.03 -10.98 -20.90
CA GLY A 190 8.93 -11.13 -19.77
C GLY A 190 9.90 -12.27 -20.00
N ARG A 191 9.40 -13.39 -20.54
CA ARG A 191 10.24 -14.54 -20.83
C ARG A 191 11.24 -14.17 -21.92
N ALA A 192 10.82 -13.31 -22.85
CA ALA A 192 11.69 -12.88 -23.93
C ALA A 192 12.88 -12.10 -23.39
N LEU A 193 12.65 -11.23 -22.40
CA LEU A 193 13.76 -10.49 -21.82
C LEU A 193 14.69 -11.47 -21.10
N LEU A 194 14.10 -12.45 -20.41
CA LEU A 194 14.90 -13.43 -19.70
C LEU A 194 15.78 -14.22 -20.65
N GLN A 195 15.26 -14.52 -21.84
CA GLN A 195 16.03 -15.25 -22.83
C GLN A 195 17.17 -14.37 -23.33
N GLU A 196 16.87 -13.11 -23.59
CA GLU A 196 17.89 -12.17 -24.04
C GLU A 196 18.99 -12.07 -22.99
N LEU A 197 18.61 -12.13 -21.72
CA LEU A 197 19.57 -12.04 -20.62
C LEU A 197 20.29 -13.37 -20.41
N GLY A 198 19.94 -14.37 -21.20
CA GLY A 198 20.57 -15.68 -21.10
C GLY A 198 20.20 -16.52 -19.89
N ALA A 199 18.95 -16.44 -19.45
CA ALA A 199 18.51 -17.22 -18.30
C ALA A 199 18.27 -18.70 -18.61
N ASP A 200 18.48 -19.53 -17.60
CA ASP A 200 18.25 -20.97 -17.72
C ASP A 200 16.75 -21.07 -18.08
N GLU A 201 16.41 -21.89 -19.06
CA GLU A 201 15.01 -21.98 -19.48
C GLU A 201 14.04 -22.39 -18.38
N ARG A 202 14.55 -23.05 -17.34
CA ARG A 202 13.67 -23.47 -16.24
C ARG A 202 13.15 -22.23 -15.52
N LEU A 203 13.86 -21.11 -15.65
CA LEU A 203 13.45 -19.88 -14.99
C LEU A 203 12.28 -19.16 -15.66
N TYR A 204 12.02 -19.44 -16.94
CA TYR A 204 10.88 -18.81 -17.60
C TYR A 204 9.84 -19.80 -18.10
N LEU A 205 10.12 -21.09 -17.96
CA LEU A 205 9.16 -22.11 -18.39
C LEU A 205 8.41 -22.63 -17.16
N LYS A 206 8.89 -22.24 -15.98
CA LYS A 206 8.26 -22.65 -14.72
C LYS A 206 6.83 -22.10 -14.67
N MET A 207 5.92 -22.86 -14.09
CA MET A 207 4.53 -22.45 -13.99
C MET A 207 4.32 -21.32 -12.99
N PRO A 208 3.69 -20.22 -13.44
CA PRO A 208 3.42 -19.06 -12.57
C PRO A 208 2.53 -19.43 -11.39
N THR A 209 2.93 -19.02 -10.19
CA THR A 209 2.16 -19.31 -8.99
C THR A 209 2.48 -18.33 -7.87
N ALA A 210 1.44 -17.89 -7.16
CA ALA A 210 1.63 -16.97 -6.05
C ALA A 210 2.08 -17.78 -4.83
N ASP A 211 1.74 -19.07 -4.85
CA ASP A 211 2.09 -20.01 -3.79
C ASP A 211 1.88 -19.46 -2.37
N LEU A 212 0.65 -19.05 -2.08
CA LEU A 212 0.32 -18.50 -0.76
C LEU A 212 -0.57 -19.42 0.08
N LEU A 213 -1.21 -20.40 -0.56
CA LEU A 213 -2.14 -21.29 0.15
C LEU A 213 -1.52 -22.51 0.82
N ASP A 214 -1.95 -22.76 2.07
CA ASP A 214 -1.45 -23.91 2.84
C ASP A 214 -2.00 -25.22 2.31
N GLU A 215 -3.24 -25.20 1.80
CA GLU A 215 -3.87 -26.42 1.30
C GLU A 215 -3.71 -26.66 -0.20
N LYS A 216 -3.14 -25.71 -0.90
CA LYS A 216 -2.93 -25.84 -2.34
C LYS A 216 -1.63 -25.13 -2.72
N PRO A 217 -0.51 -25.55 -2.11
CA PRO A 217 0.77 -24.91 -2.42
C PRO A 217 1.14 -25.05 -3.89
N GLY A 218 1.72 -23.99 -4.46
CA GLY A 218 2.13 -24.03 -5.85
C GLY A 218 1.00 -23.96 -6.86
N GLN A 219 -0.20 -23.62 -6.40
CA GLN A 219 -1.36 -23.52 -7.29
C GLN A 219 -1.09 -22.59 -8.46
N ALA A 220 -1.37 -23.08 -9.67
CA ALA A 220 -1.15 -22.31 -10.89
C ALA A 220 -2.04 -21.08 -10.98
N ASP A 221 -1.44 -19.95 -11.36
CA ASP A 221 -2.17 -18.70 -11.54
C ASP A 221 -3.40 -18.94 -12.41
N GLU A 222 -3.19 -19.68 -13.49
CA GLU A 222 -4.26 -19.98 -14.44
C GLU A 222 -5.40 -20.78 -13.82
N THR A 223 -5.08 -21.60 -12.83
CA THR A 223 -6.11 -22.39 -12.16
C THR A 223 -7.01 -21.46 -11.36
N GLU A 224 -6.41 -20.41 -10.82
CA GLU A 224 -7.12 -19.43 -10.02
C GLU A 224 -7.86 -18.44 -10.90
N LEU A 225 -7.19 -17.98 -11.96
CA LEU A 225 -7.74 -17.01 -12.88
C LEU A 225 -8.84 -17.57 -13.77
N GLY A 226 -8.72 -18.83 -14.15
CA GLY A 226 -9.71 -19.43 -15.03
C GLY A 226 -9.42 -18.89 -16.42
N ILE A 227 -8.23 -18.30 -16.55
CA ILE A 227 -7.76 -17.73 -17.81
C ILE A 227 -6.27 -18.04 -17.92
N THR A 228 -5.81 -18.38 -19.12
CA THR A 228 -4.40 -18.70 -19.32
C THR A 228 -3.60 -17.46 -19.68
N TYR A 229 -2.31 -17.46 -19.36
CA TYR A 229 -1.47 -16.33 -19.69
C TYR A 229 -1.34 -16.17 -21.20
N ASP A 230 -1.56 -17.26 -21.93
CA ASP A 230 -1.48 -17.22 -23.39
C ASP A 230 -2.60 -16.30 -23.88
N GLN A 231 -3.78 -16.46 -23.30
CA GLN A 231 -4.93 -15.65 -23.65
C GLN A 231 -4.73 -14.21 -23.20
N LEU A 232 -4.30 -14.04 -21.95
CA LEU A 232 -4.04 -12.70 -21.42
C LEU A 232 -3.06 -11.93 -22.28
N ASP A 233 -1.95 -12.58 -22.65
CA ASP A 233 -0.95 -11.92 -23.48
C ASP A 233 -1.52 -11.60 -24.86
N ASP A 234 -2.33 -12.51 -25.41
CA ASP A 234 -2.93 -12.27 -26.71
C ASP A 234 -3.82 -11.05 -26.63
N TYR A 235 -4.64 -11.00 -25.58
CA TYR A 235 -5.56 -9.90 -25.35
C TYR A 235 -4.79 -8.59 -25.21
N LEU A 236 -3.78 -8.60 -24.35
CA LEU A 236 -2.97 -7.40 -24.09
C LEU A 236 -2.17 -6.94 -25.29
N GLU A 237 -1.69 -7.89 -26.10
CA GLU A 237 -0.90 -7.53 -27.27
C GLU A 237 -1.78 -7.10 -28.45
N GLY A 238 -3.08 -6.94 -28.18
CA GLY A 238 -4.01 -6.50 -29.21
C GLY A 238 -4.57 -7.53 -30.16
N LYS A 239 -4.34 -8.81 -29.89
CA LYS A 239 -4.87 -9.86 -30.75
C LYS A 239 -6.33 -10.14 -30.46
N THR A 240 -6.97 -10.90 -31.33
CA THR A 240 -8.37 -11.24 -31.16
C THR A 240 -8.48 -12.52 -30.35
N VAL A 241 -9.38 -12.53 -29.38
CA VAL A 241 -9.60 -13.71 -28.56
C VAL A 241 -11.12 -13.93 -28.53
N PRO A 242 -11.57 -15.12 -28.09
CA PRO A 242 -13.00 -15.43 -28.02
C PRO A 242 -13.78 -14.44 -27.15
N ALA A 243 -14.95 -14.01 -27.63
CA ALA A 243 -15.78 -13.07 -26.88
C ALA A 243 -15.91 -13.53 -25.45
N ASP A 244 -15.95 -14.84 -25.27
CA ASP A 244 -16.05 -15.50 -23.97
C ASP A 244 -14.91 -15.01 -23.09
N VAL A 245 -13.69 -15.23 -23.57
CA VAL A 245 -12.47 -14.86 -22.88
C VAL A 245 -12.35 -13.36 -22.64
N ALA A 246 -12.61 -12.58 -23.67
CA ALA A 246 -12.51 -11.13 -23.56
C ALA A 246 -13.37 -10.59 -22.43
N GLU A 247 -14.63 -11.04 -22.36
CA GLU A 247 -15.55 -10.59 -21.34
C GLU A 247 -15.02 -10.89 -19.93
N LYS A 248 -14.45 -12.09 -19.76
CA LYS A 248 -13.93 -12.48 -18.45
C LYS A 248 -12.71 -11.64 -18.05
N ILE A 249 -11.89 -11.28 -19.04
CA ILE A 249 -10.72 -10.47 -18.77
C ILE A 249 -11.15 -9.04 -18.43
N GLU A 250 -12.09 -8.51 -19.21
CA GLU A 250 -12.56 -7.15 -19.01
C GLU A 250 -13.35 -6.93 -17.73
N LYS A 251 -14.10 -7.93 -17.28
CA LYS A 251 -14.86 -7.78 -16.05
C LYS A 251 -13.91 -7.79 -14.86
N ARG A 252 -12.90 -8.63 -14.92
CA ARG A 252 -11.95 -8.70 -13.83
C ARG A 252 -11.15 -7.41 -13.76
N TYR A 253 -10.88 -6.82 -14.91
CA TYR A 253 -10.15 -5.57 -14.98
C TYR A 253 -10.94 -4.44 -14.32
N THR A 254 -12.19 -4.27 -14.77
CA THR A 254 -13.04 -3.21 -14.23
C THR A 254 -13.36 -3.30 -12.73
N VAL A 255 -13.51 -4.52 -12.21
CA VAL A 255 -13.84 -4.67 -10.79
C VAL A 255 -12.63 -4.50 -9.87
N SER A 256 -11.43 -4.59 -10.41
CA SER A 256 -10.21 -4.46 -9.61
C SER A 256 -9.51 -3.12 -9.78
N GLU A 257 -10.20 -2.14 -10.33
CA GLU A 257 -9.60 -0.83 -10.54
C GLU A 257 -9.07 -0.19 -9.25
N HIS A 258 -9.69 -0.52 -8.11
CA HIS A 258 -9.28 0.04 -6.84
C HIS A 258 -7.85 -0.37 -6.46
N LYS A 259 -7.38 -1.48 -7.01
CA LYS A 259 -6.03 -1.96 -6.73
C LYS A 259 -4.98 -1.26 -7.57
N ARG A 260 -5.42 -0.54 -8.60
CA ARG A 260 -4.51 0.17 -9.47
C ARG A 260 -4.57 1.68 -9.26
N GLN A 261 -5.25 2.09 -8.19
CA GLN A 261 -5.39 3.50 -7.85
C GLN A 261 -5.02 3.68 -6.37
N VAL A 262 -4.71 4.91 -5.97
CA VAL A 262 -4.42 5.16 -4.56
C VAL A 262 -5.80 5.09 -3.90
N PRO A 263 -5.86 5.03 -2.56
CA PRO A 263 -7.16 4.95 -1.88
C PRO A 263 -8.19 5.95 -2.40
N ALA A 264 -9.43 5.51 -2.53
CA ALA A 264 -10.50 6.35 -3.05
C ALA A 264 -11.01 7.43 -2.12
N SER A 265 -11.28 8.61 -2.68
CA SER A 265 -11.83 9.73 -1.92
C SER A 265 -13.04 10.18 -2.73
N MET A 266 -13.86 11.06 -2.14
CA MET A 266 -15.05 11.55 -2.82
C MET A 266 -14.71 12.44 -4.02
N PHE A 267 -13.44 12.80 -4.15
CA PHE A 267 -13.02 13.66 -5.26
C PHE A 267 -12.52 12.87 -6.46
N ASP A 268 -12.45 11.54 -6.33
CA ASP A 268 -11.98 10.68 -7.41
C ASP A 268 -13.13 10.26 -8.30
N ASP A 269 -12.88 10.22 -9.60
CA ASP A 269 -13.90 9.84 -10.57
C ASP A 269 -13.90 8.37 -10.97
N TRP A 270 -12.72 7.75 -10.97
CA TRP A 270 -12.63 6.36 -11.38
C TRP A 270 -13.65 5.41 -10.74
N TRP A 271 -13.94 5.59 -9.45
CA TRP A 271 -14.89 4.69 -8.80
C TRP A 271 -16.34 5.05 -9.11
N LYS A 272 -16.58 6.31 -9.48
CA LYS A 272 -17.94 6.73 -9.81
C LYS A 272 -18.30 6.21 -11.20
N LEU A 273 -17.32 6.15 -12.09
CA LEU A 273 -17.53 5.67 -13.45
C LEU A 273 -17.76 4.17 -13.47
N ALA A 274 -17.10 3.47 -12.55
CA ALA A 274 -17.21 2.02 -12.44
C ALA A 274 -18.64 1.56 -12.14
N ALA A 275 -19.13 0.62 -12.95
CA ALA A 275 -20.46 0.07 -12.77
C ALA A 275 -20.48 -0.70 -11.46
N ALA A 276 -19.32 -1.26 -11.11
CA ALA A 276 -19.18 -2.03 -9.89
C ALA A 276 -17.71 -2.27 -9.57
N LEU A 277 -17.46 -2.71 -8.33
CA LEU A 277 -16.11 -2.99 -7.86
C LEU A 277 -16.19 -4.09 -6.83
N GLU A 278 -15.20 -4.96 -6.79
CA GLU A 278 -15.21 -6.04 -5.80
C GLU A 278 -13.87 -6.12 -5.09
N HIS A 279 -13.92 -6.19 -3.76
CA HIS A 279 -12.72 -6.28 -2.95
C HIS A 279 -12.50 -7.69 -2.43
N HIS A 280 -13.59 -8.41 -2.20
CA HIS A 280 -13.50 -9.77 -1.69
C HIS A 280 -14.05 -10.75 -2.73
N MET B 1 0.10 29.35 -11.01
CA MET B 1 -0.34 29.66 -9.61
C MET B 1 0.85 29.51 -8.68
N THR B 2 0.72 30.04 -7.47
CA THR B 2 1.80 29.89 -6.48
C THR B 2 1.75 28.40 -6.19
N LEU B 3 2.80 27.88 -5.59
CA LEU B 3 2.84 26.46 -5.25
C LEU B 3 1.74 26.20 -4.23
N GLN B 4 1.48 27.19 -3.38
CA GLN B 4 0.45 27.08 -2.35
C GLN B 4 -0.92 26.81 -2.96
N GLU B 5 -1.27 27.56 -4.01
CA GLU B 5 -2.56 27.39 -4.67
C GLU B 5 -2.61 26.02 -5.33
N GLN B 6 -1.47 25.56 -5.85
CA GLN B 6 -1.40 24.27 -6.50
C GLN B 6 -1.63 23.17 -5.48
N ILE B 7 -0.98 23.29 -4.33
CA ILE B 7 -1.11 22.30 -3.28
C ILE B 7 -2.56 22.28 -2.76
N MET B 8 -3.12 23.46 -2.50
CA MET B 8 -4.49 23.54 -2.03
C MET B 8 -5.43 22.80 -2.99
N LYS B 9 -5.21 23.01 -4.29
CA LYS B 9 -6.03 22.36 -5.31
C LYS B 9 -5.79 20.85 -5.37
N ALA B 10 -4.52 20.45 -5.41
CA ALA B 10 -4.17 19.04 -5.49
C ALA B 10 -4.71 18.23 -4.30
N LEU B 11 -4.79 18.87 -3.12
CA LEU B 11 -5.27 18.17 -1.92
C LEU B 11 -6.74 18.42 -1.62
N HIS B 12 -7.42 19.07 -2.56
CA HIS B 12 -8.84 19.36 -2.44
C HIS B 12 -9.26 20.15 -1.21
N VAL B 13 -8.45 21.12 -0.81
CA VAL B 13 -8.79 21.93 0.37
C VAL B 13 -9.78 23.05 0.07
N GLN B 14 -10.78 23.18 0.94
CA GLN B 14 -11.79 24.23 0.83
C GLN B 14 -11.47 25.21 1.97
N PRO B 15 -11.01 26.43 1.65
CA PRO B 15 -10.66 27.45 2.64
C PRO B 15 -11.75 27.68 3.67
N VAL B 16 -13.01 27.58 3.24
CA VAL B 16 -14.15 27.77 4.11
C VAL B 16 -15.11 26.60 3.94
N ILE B 17 -15.56 26.03 5.05
CA ILE B 17 -16.48 24.89 5.00
C ILE B 17 -17.66 25.07 5.93
N ASP B 18 -18.71 24.30 5.68
CA ASP B 18 -19.88 24.30 6.53
C ASP B 18 -19.83 22.89 7.11
N PRO B 19 -19.43 22.77 8.40
CA PRO B 19 -19.32 21.48 9.08
C PRO B 19 -20.48 20.50 8.82
N LYS B 20 -21.70 21.00 8.89
CA LYS B 20 -22.90 20.18 8.67
C LYS B 20 -22.90 19.56 7.27
N ALA B 21 -22.61 20.39 6.27
CA ALA B 21 -22.59 19.94 4.88
C ALA B 21 -21.45 18.95 4.63
N GLU B 22 -20.31 19.17 5.28
CA GLU B 22 -19.17 18.28 5.11
C GLU B 22 -19.48 16.88 5.62
N ILE B 23 -20.11 16.80 6.79
CA ILE B 23 -20.46 15.51 7.35
C ILE B 23 -21.40 14.77 6.39
N ARG B 24 -22.37 15.49 5.84
CA ARG B 24 -23.32 14.90 4.91
C ARG B 24 -22.65 14.35 3.65
N LYS B 25 -21.75 15.14 3.05
CA LYS B 25 -21.05 14.71 1.85
C LYS B 25 -20.13 13.52 2.10
N ARG B 26 -19.45 13.55 3.25
CA ARG B 26 -18.51 12.49 3.57
C ARG B 26 -19.20 11.21 4.00
N VAL B 27 -20.35 11.32 4.66
CA VAL B 27 -21.11 10.13 5.04
C VAL B 27 -21.70 9.56 3.75
N ASP B 28 -22.16 10.44 2.86
CA ASP B 28 -22.72 10.00 1.58
C ASP B 28 -21.68 9.25 0.77
N PHE B 29 -20.45 9.75 0.80
CA PHE B 29 -19.35 9.12 0.08
C PHE B 29 -19.13 7.69 0.54
N LEU B 30 -19.09 7.47 1.86
CA LEU B 30 -18.89 6.12 2.38
C LEU B 30 -20.00 5.19 1.90
N LYS B 31 -21.23 5.69 1.92
CA LYS B 31 -22.39 4.91 1.49
C LYS B 31 -22.31 4.59 -0.01
N ASP B 32 -21.98 5.60 -0.82
CA ASP B 32 -21.87 5.43 -2.27
C ASP B 32 -20.79 4.43 -2.67
N TYR B 33 -19.63 4.51 -2.03
CA TYR B 33 -18.56 3.59 -2.37
C TYR B 33 -18.87 2.16 -1.98
N VAL B 34 -19.25 1.93 -0.71
CA VAL B 34 -19.53 0.57 -0.28
C VAL B 34 -20.65 -0.05 -1.11
N LYS B 35 -21.63 0.76 -1.48
CA LYS B 35 -22.75 0.28 -2.27
C LYS B 35 -22.27 -0.27 -3.62
N LYS B 36 -21.32 0.41 -4.22
CA LYS B 36 -20.79 -0.02 -5.51
C LYS B 36 -19.92 -1.28 -5.41
N THR B 37 -19.55 -1.65 -4.19
CA THR B 37 -18.69 -2.82 -3.97
C THR B 37 -19.40 -4.05 -3.43
N GLY B 38 -20.63 -3.89 -2.97
CA GLY B 38 -21.32 -5.03 -2.40
C GLY B 38 -20.65 -5.53 -1.12
N ALA B 39 -19.85 -4.68 -0.49
CA ALA B 39 -19.17 -5.04 0.75
C ALA B 39 -20.18 -5.00 1.90
N LYS B 40 -19.84 -5.65 3.01
CA LYS B 40 -20.75 -5.71 4.14
C LYS B 40 -20.60 -4.63 5.21
N GLY B 41 -19.70 -3.68 4.97
CA GLY B 41 -19.48 -2.62 5.94
C GLY B 41 -18.06 -2.09 5.94
N PHE B 42 -17.63 -1.59 7.11
CA PHE B 42 -16.30 -1.03 7.24
C PHE B 42 -15.56 -1.52 8.50
N VAL B 43 -14.26 -1.31 8.51
CA VAL B 43 -13.44 -1.65 9.66
C VAL B 43 -12.44 -0.50 9.80
N LEU B 44 -12.14 -0.12 11.03
CA LEU B 44 -11.21 0.97 11.28
C LEU B 44 -10.54 0.86 12.64
N GLY B 45 -9.26 1.17 12.68
CA GLY B 45 -8.54 1.13 13.95
C GLY B 45 -8.87 2.41 14.68
N ILE B 46 -9.27 2.29 15.95
CA ILE B 46 -9.61 3.44 16.77
C ILE B 46 -8.50 3.64 17.79
N SER B 47 -7.73 4.71 17.61
CA SER B 47 -6.59 4.99 18.46
C SER B 47 -6.83 5.86 19.69
N GLY B 48 -7.91 6.61 19.67
CA GLY B 48 -8.20 7.52 20.76
C GLY B 48 -7.83 8.91 20.26
N GLY B 49 -7.24 8.95 19.06
CA GLY B 49 -6.84 10.22 18.45
C GLY B 49 -7.93 10.83 17.57
N GLN B 50 -7.80 12.13 17.31
CA GLN B 50 -8.77 12.90 16.52
C GLN B 50 -9.24 12.29 15.18
N ASP B 51 -8.29 11.93 14.32
CA ASP B 51 -8.63 11.40 13.00
C ASP B 51 -9.49 10.15 12.99
N SER B 52 -9.11 9.12 13.75
CA SER B 52 -9.91 7.91 13.77
C SER B 52 -11.21 8.10 14.55
N THR B 53 -11.22 9.05 15.49
CA THR B 53 -12.45 9.33 16.24
C THR B 53 -13.49 9.89 15.28
N LEU B 54 -13.07 10.81 14.42
CA LEU B 54 -13.97 11.43 13.45
C LEU B 54 -14.36 10.46 12.33
N ALA B 55 -13.38 9.80 11.73
CA ALA B 55 -13.65 8.87 10.64
C ALA B 55 -14.52 7.72 11.18
N GLY B 56 -14.25 7.34 12.43
CA GLY B 56 -15.00 6.28 13.07
C GLY B 56 -16.46 6.64 13.21
N ARG B 57 -16.75 7.85 13.66
CA ARG B 57 -18.13 8.28 13.83
C ARG B 57 -18.85 8.38 12.48
N LEU B 58 -18.14 8.83 11.46
CA LEU B 58 -18.76 8.95 10.14
C LEU B 58 -19.14 7.58 9.57
N ALA B 59 -18.30 6.58 9.83
CA ALA B 59 -18.56 5.23 9.36
C ALA B 59 -19.78 4.64 10.05
N GLN B 60 -19.92 4.91 11.34
CA GLN B 60 -21.05 4.39 12.11
C GLN B 60 -22.33 5.04 11.58
N LEU B 61 -22.28 6.34 11.31
CA LEU B 61 -23.46 7.04 10.79
C LEU B 61 -23.80 6.47 9.40
N ALA B 62 -22.78 6.15 8.63
CA ALA B 62 -22.99 5.60 7.30
C ALA B 62 -23.72 4.24 7.30
N VAL B 63 -23.30 3.33 8.18
CA VAL B 63 -23.94 2.00 8.24
C VAL B 63 -25.35 2.06 8.83
N GLU B 64 -25.56 2.99 9.75
CA GLU B 64 -26.89 3.13 10.34
C GLU B 64 -27.82 3.61 9.22
N GLU B 65 -27.32 4.52 8.40
CA GLU B 65 -28.12 5.03 7.29
C GLU B 65 -28.38 3.96 6.23
N ILE B 66 -27.37 3.16 5.92
CA ILE B 66 -27.51 2.08 4.95
C ILE B 66 -28.61 1.14 5.43
N ARG B 67 -28.59 0.82 6.72
CA ARG B 67 -29.59 -0.07 7.30
C ARG B 67 -30.98 0.59 7.29
N ASN B 68 -31.04 1.88 7.58
CA ASN B 68 -32.32 2.57 7.57
C ASN B 68 -32.87 2.61 6.15
N GLU B 69 -31.98 2.50 5.17
CA GLU B 69 -32.38 2.51 3.78
C GLU B 69 -32.78 1.11 3.28
N GLY B 70 -32.74 0.14 4.18
CA GLY B 70 -33.11 -1.22 3.84
C GLY B 70 -31.95 -2.11 3.46
N GLY B 71 -30.74 -1.60 3.62
CA GLY B 71 -29.56 -2.38 3.29
C GLY B 71 -29.02 -3.17 4.45
N ASN B 72 -27.84 -3.73 4.27
CA ASN B 72 -27.19 -4.53 5.29
C ASN B 72 -25.77 -4.03 5.47
N ALA B 73 -25.43 -3.62 6.70
CA ALA B 73 -24.09 -3.11 6.95
C ALA B 73 -23.73 -3.13 8.42
N THR B 74 -22.42 -3.18 8.69
CA THR B 74 -21.91 -3.19 10.05
C THR B 74 -20.58 -2.46 10.11
N PHE B 75 -20.26 -1.90 11.27
CA PHE B 75 -19.00 -1.21 11.48
C PHE B 75 -18.26 -1.78 12.68
N ILE B 76 -17.04 -2.23 12.45
CA ILE B 76 -16.23 -2.78 13.53
C ILE B 76 -15.09 -1.84 13.89
N ALA B 77 -15.12 -1.34 15.13
CA ALA B 77 -14.07 -0.47 15.62
C ALA B 77 -13.04 -1.40 16.24
N VAL B 78 -11.78 -1.23 15.87
CA VAL B 78 -10.77 -2.11 16.42
C VAL B 78 -9.66 -1.39 17.16
N ARG B 79 -9.43 -1.80 18.40
CA ARG B 79 -8.36 -1.25 19.25
C ARG B 79 -7.12 -2.02 18.85
N LEU B 80 -6.03 -1.32 18.56
CA LEU B 80 -4.80 -1.96 18.13
C LEU B 80 -3.59 -1.50 18.92
N PRO B 81 -3.60 -1.71 20.25
CA PRO B 81 -2.45 -1.28 21.04
C PRO B 81 -1.26 -2.20 20.82
N TYR B 82 -0.06 -1.66 21.05
CA TYR B 82 1.15 -2.46 21.00
C TYR B 82 1.37 -2.65 22.51
N LYS B 83 1.14 -3.87 22.99
CA LYS B 83 1.25 -4.17 24.42
C LYS B 83 0.15 -3.42 25.17
N VAL B 84 0.52 -2.43 25.97
CA VAL B 84 -0.44 -1.63 26.70
C VAL B 84 -0.30 -0.18 26.25
N GLN B 85 -1.40 0.40 25.80
CA GLN B 85 -1.40 1.78 25.32
C GLN B 85 -1.53 2.77 26.46
N LYS B 86 -0.64 3.76 26.50
CA LYS B 86 -0.64 4.75 27.56
C LYS B 86 -1.98 5.48 27.64
N ASP B 87 -2.51 5.92 26.51
CA ASP B 87 -3.77 6.64 26.50
C ASP B 87 -4.98 5.76 26.20
N GLU B 88 -4.95 4.53 26.68
CA GLU B 88 -6.09 3.63 26.48
C GLU B 88 -7.36 4.34 26.93
N ASP B 89 -7.25 5.16 27.97
CA ASP B 89 -8.41 5.88 28.49
C ASP B 89 -9.02 6.79 27.42
N ASP B 90 -8.18 7.49 26.66
CA ASP B 90 -8.71 8.36 25.60
C ASP B 90 -9.40 7.50 24.52
N ALA B 91 -8.86 6.32 24.26
CA ALA B 91 -9.44 5.43 23.25
C ALA B 91 -10.82 4.98 23.72
N GLN B 92 -10.96 4.74 25.02
CA GLN B 92 -12.24 4.32 25.57
C GLN B 92 -13.23 5.47 25.40
N LEU B 93 -12.75 6.69 25.62
CA LEU B 93 -13.62 7.85 25.47
C LEU B 93 -14.07 7.95 24.01
N ALA B 94 -13.14 7.69 23.09
CA ALA B 94 -13.44 7.74 21.66
C ALA B 94 -14.52 6.72 21.29
N LEU B 95 -14.36 5.50 21.78
CA LEU B 95 -15.34 4.44 21.51
C LEU B 95 -16.72 4.83 22.02
N GLN B 96 -16.79 5.49 23.17
CA GLN B 96 -18.08 5.88 23.73
C GLN B 96 -18.77 6.94 22.86
N PHE B 97 -17.99 7.68 22.10
CA PHE B 97 -18.51 8.70 21.19
C PHE B 97 -18.92 8.07 19.87
N ILE B 98 -18.07 7.19 19.36
CA ILE B 98 -18.33 6.51 18.10
C ILE B 98 -19.56 5.61 18.16
N GLN B 99 -19.70 4.85 19.25
CA GLN B 99 -20.83 3.94 19.41
C GLN B 99 -20.93 3.00 18.21
N ALA B 100 -19.82 2.35 17.89
CA ALA B 100 -19.72 1.43 16.77
C ALA B 100 -20.60 0.19 16.97
N ASP B 101 -21.04 -0.42 15.88
CA ASP B 101 -21.88 -1.62 15.98
C ASP B 101 -21.14 -2.69 16.78
N GLN B 102 -19.87 -2.85 16.49
CA GLN B 102 -19.04 -3.84 17.16
C GLN B 102 -17.65 -3.25 17.39
N SER B 103 -16.96 -3.78 18.38
CA SER B 103 -15.60 -3.34 18.67
C SER B 103 -14.81 -4.51 19.23
N VAL B 104 -13.54 -4.58 18.85
CA VAL B 104 -12.66 -5.66 19.30
C VAL B 104 -11.30 -5.06 19.64
N ALA B 105 -10.53 -5.80 20.43
CA ALA B 105 -9.21 -5.35 20.84
C ALA B 105 -8.17 -6.36 20.34
N PHE B 106 -7.14 -5.86 19.68
CA PHE B 106 -6.12 -6.74 19.14
C PHE B 106 -4.71 -6.23 19.43
N ASP B 107 -4.02 -6.89 20.36
CA ASP B 107 -2.67 -6.52 20.73
C ASP B 107 -1.75 -6.97 19.58
N ILE B 108 -1.02 -6.03 19.00
CA ILE B 108 -0.13 -6.34 17.88
C ILE B 108 1.29 -6.69 18.31
N ALA B 109 1.57 -6.59 19.60
CA ALA B 109 2.91 -6.87 20.11
C ALA B 109 3.51 -8.23 19.79
N SER B 110 2.74 -9.30 19.90
CA SER B 110 3.31 -10.61 19.61
C SER B 110 3.75 -10.72 18.15
N THR B 111 2.99 -10.12 17.24
CA THR B 111 3.34 -10.17 15.82
C THR B 111 4.54 -9.27 15.53
N VAL B 112 4.49 -8.03 16.02
CA VAL B 112 5.57 -7.09 15.82
C VAL B 112 6.87 -7.61 16.44
N ASP B 113 6.80 -8.14 17.66
CA ASP B 113 7.99 -8.64 18.33
C ASP B 113 8.53 -9.90 17.67
N ALA B 114 7.64 -10.73 17.15
CA ALA B 114 8.08 -11.94 16.46
C ALA B 114 8.92 -11.47 15.28
N PHE B 115 8.43 -10.46 14.56
CA PHE B 115 9.17 -9.92 13.40
C PHE B 115 10.51 -9.34 13.80
N SER B 116 10.50 -8.46 14.80
CA SER B 116 11.72 -7.81 15.26
C SER B 116 12.79 -8.80 15.73
N ASN B 117 12.37 -9.83 16.46
CA ASN B 117 13.32 -10.84 16.95
C ASN B 117 13.93 -11.62 15.79
N GLN B 118 13.12 -11.89 14.76
CA GLN B 118 13.59 -12.61 13.58
C GLN B 118 14.56 -11.73 12.81
N TYR B 119 14.23 -10.43 12.70
CA TYR B 119 15.08 -9.49 11.99
C TYR B 119 16.46 -9.40 12.62
N GLU B 120 16.50 -9.15 13.92
CA GLU B 120 17.76 -9.04 14.64
C GLU B 120 18.54 -10.33 14.50
N ASN B 121 17.82 -11.44 14.61
CA ASN B 121 18.41 -12.76 14.50
C ASN B 121 19.08 -13.00 13.14
N LEU B 122 18.36 -12.73 12.06
CA LEU B 122 18.87 -12.95 10.71
C LEU B 122 19.77 -11.88 10.09
N LEU B 123 19.57 -10.61 10.42
CA LEU B 123 20.43 -9.59 9.84
C LEU B 123 21.48 -9.07 10.83
N ASP B 124 21.63 -9.79 11.94
CA ASP B 124 22.60 -9.43 12.97
C ASP B 124 22.62 -7.94 13.29
N GLU B 125 21.44 -7.35 13.39
CA GLU B 125 21.31 -5.93 13.71
C GLU B 125 19.91 -5.74 14.25
N SER B 126 19.75 -4.81 15.19
CA SER B 126 18.44 -4.56 15.75
C SER B 126 17.75 -3.44 14.97
N LEU B 127 16.43 -3.50 14.87
CA LEU B 127 15.67 -2.46 14.17
C LEU B 127 15.75 -1.16 14.93
N THR B 128 15.98 -0.05 14.24
CA THR B 128 16.02 1.24 14.92
C THR B 128 14.60 1.44 15.44
N ASP B 129 14.45 2.33 16.42
CA ASP B 129 13.14 2.60 17.00
C ASP B 129 12.16 3.09 15.93
N PHE B 130 12.67 3.89 15.00
CA PHE B 130 11.83 4.43 13.93
C PHE B 130 11.33 3.33 12.98
N ASN B 131 12.22 2.42 12.58
CA ASN B 131 11.82 1.35 11.67
C ASN B 131 10.89 0.33 12.31
N LYS B 132 11.08 0.08 13.61
CA LYS B 132 10.21 -0.86 14.32
C LYS B 132 8.83 -0.20 14.39
N GLY B 133 8.84 1.12 14.55
CA GLY B 133 7.60 1.88 14.62
C GLY B 133 6.80 1.70 13.35
N ASN B 134 7.48 1.72 12.21
CA ASN B 134 6.80 1.53 10.94
C ASN B 134 6.30 0.10 10.83
N VAL B 135 6.99 -0.84 11.47
CA VAL B 135 6.52 -2.23 11.45
C VAL B 135 5.18 -2.27 12.16
N LYS B 136 5.07 -1.54 13.27
CA LYS B 136 3.82 -1.50 14.02
C LYS B 136 2.67 -0.97 13.16
N ALA B 137 2.91 0.15 12.47
CA ALA B 137 1.88 0.75 11.63
C ALA B 137 1.47 -0.23 10.54
N ARG B 138 2.45 -0.94 9.98
CA ARG B 138 2.16 -1.90 8.94
C ARG B 138 1.41 -3.13 9.45
N ILE B 139 1.68 -3.54 10.68
CA ILE B 139 0.97 -4.69 11.24
C ILE B 139 -0.47 -4.26 11.54
N ARG B 140 -0.66 -2.97 11.85
CA ARG B 140 -2.01 -2.47 12.11
C ARG B 140 -2.82 -2.58 10.81
N MET B 141 -2.19 -2.29 9.68
CA MET B 141 -2.85 -2.39 8.38
C MET B 141 -3.18 -3.86 8.13
N VAL B 142 -2.21 -4.74 8.35
CA VAL B 142 -2.41 -6.18 8.17
C VAL B 142 -3.62 -6.67 8.98
N THR B 143 -3.72 -6.21 10.22
CA THR B 143 -4.82 -6.62 11.09
C THR B 143 -6.18 -6.16 10.57
N GLN B 144 -6.27 -4.89 10.17
CA GLN B 144 -7.54 -4.39 9.65
C GLN B 144 -7.93 -5.10 8.35
N TYR B 145 -6.96 -5.38 7.49
CA TYR B 145 -7.30 -6.07 6.24
C TYR B 145 -7.68 -7.53 6.50
N ALA B 146 -7.13 -8.12 7.55
CA ALA B 146 -7.46 -9.50 7.90
C ALA B 146 -8.91 -9.56 8.37
N ILE B 147 -9.29 -8.63 9.25
CA ILE B 147 -10.66 -8.58 9.74
C ILE B 147 -11.58 -8.23 8.58
N GLY B 148 -11.13 -7.31 7.72
CA GLY B 148 -11.92 -6.91 6.57
C GLY B 148 -12.15 -8.08 5.62
N GLY B 149 -11.09 -8.84 5.35
CA GLY B 149 -11.21 -9.98 4.46
C GLY B 149 -12.10 -11.07 5.02
N GLN B 150 -12.03 -11.27 6.33
CA GLN B 150 -12.83 -12.30 7.01
C GLN B 150 -14.30 -11.95 7.10
N LYS B 151 -14.61 -10.66 7.22
CA LYS B 151 -16.00 -10.24 7.34
C LYS B 151 -16.58 -9.45 6.18
N GLY B 152 -15.84 -9.37 5.08
CA GLY B 152 -16.32 -8.64 3.90
C GLY B 152 -16.44 -7.14 4.12
N LEU B 153 -15.54 -6.57 4.92
CA LEU B 153 -15.57 -5.15 5.22
C LEU B 153 -14.47 -4.34 4.53
N LEU B 154 -14.77 -3.09 4.20
CA LEU B 154 -13.81 -2.21 3.56
C LEU B 154 -12.99 -1.51 4.65
N VAL B 155 -11.70 -1.34 4.39
CA VAL B 155 -10.82 -0.67 5.35
C VAL B 155 -10.83 0.84 5.17
N ILE B 156 -11.29 1.57 6.20
CA ILE B 156 -11.31 3.03 6.13
C ILE B 156 -9.95 3.61 6.46
N GLY B 157 -9.58 4.68 5.74
CA GLY B 157 -8.32 5.35 5.97
C GLY B 157 -8.60 6.73 6.54
N THR B 158 -7.68 7.26 7.34
CA THR B 158 -7.89 8.55 7.97
C THR B 158 -7.05 9.70 7.41
N ASP B 159 -6.53 9.53 6.20
CA ASP B 159 -5.73 10.60 5.62
C ASP B 159 -6.57 11.86 5.38
N HIS B 160 -5.93 13.01 5.55
CA HIS B 160 -6.57 14.30 5.31
C HIS B 160 -5.48 15.25 4.78
N ALA B 161 -5.86 16.48 4.48
CA ALA B 161 -4.93 17.46 3.91
C ALA B 161 -3.72 17.82 4.77
N ALA B 162 -3.93 17.95 6.08
CA ALA B 162 -2.85 18.33 7.00
C ALA B 162 -1.79 17.24 7.12
N GLU B 163 -2.18 16.00 6.82
CA GLU B 163 -1.25 14.88 6.87
C GLU B 163 -0.71 14.62 5.46
N ALA B 164 -1.57 14.79 4.46
CA ALA B 164 -1.18 14.57 3.08
C ALA B 164 -0.09 15.52 2.60
N VAL B 165 -0.18 16.79 3.00
CA VAL B 165 0.79 17.78 2.55
C VAL B 165 2.21 17.52 3.04
N THR B 166 2.33 16.84 4.18
CA THR B 166 3.65 16.53 4.73
C THR B 166 4.02 15.06 4.53
N GLY B 167 3.09 14.27 4.03
CA GLY B 167 3.35 12.84 3.82
C GLY B 167 3.58 12.23 5.19
N PHE B 168 2.86 12.72 6.18
CA PHE B 168 3.01 12.25 7.56
C PHE B 168 2.21 10.99 7.84
N PHE B 169 2.66 9.88 7.28
CA PHE B 169 2.01 8.58 7.46
C PHE B 169 2.96 7.50 6.94
N THR B 170 2.74 6.26 7.37
CA THR B 170 3.58 5.15 6.94
C THR B 170 3.09 4.56 5.63
N LYS B 171 3.97 4.53 4.63
CA LYS B 171 3.59 3.97 3.33
C LYS B 171 3.18 2.51 3.53
N PHE B 172 1.95 2.19 3.12
CA PHE B 172 1.40 0.84 3.25
C PHE B 172 1.15 0.45 4.70
N GLY B 173 1.08 1.46 5.55
CA GLY B 173 0.78 1.26 6.95
C GLY B 173 -0.56 1.94 7.11
N ASP B 174 -0.61 3.05 7.85
CA ASP B 174 -1.86 3.76 7.98
C ASP B 174 -2.20 4.41 6.63
N GLY B 175 -1.25 4.36 5.70
CA GLY B 175 -1.49 4.91 4.38
C GLY B 175 -2.25 3.91 3.54
N GLY B 176 -2.19 2.64 3.95
CA GLY B 176 -2.88 1.59 3.24
C GLY B 176 -4.33 1.47 3.70
N ALA B 177 -5.26 1.77 2.79
CA ALA B 177 -6.68 1.70 3.09
C ALA B 177 -7.47 1.66 1.78
N ASP B 178 -8.77 1.40 1.88
CA ASP B 178 -9.61 1.33 0.69
C ASP B 178 -10.26 2.67 0.33
N LEU B 179 -10.76 3.39 1.33
CA LEU B 179 -11.39 4.69 1.07
C LEU B 179 -11.12 5.68 2.19
N LEU B 180 -11.11 6.97 1.83
CA LEU B 180 -10.78 8.05 2.74
C LEU B 180 -11.87 9.12 2.86
N PRO B 181 -12.67 9.09 3.95
CA PRO B 181 -13.73 10.08 4.11
C PRO B 181 -13.27 11.47 4.56
N LEU B 182 -12.02 11.61 5.00
CA LEU B 182 -11.51 12.89 5.49
C LEU B 182 -10.67 13.69 4.51
N THR B 183 -10.49 13.17 3.29
CA THR B 183 -9.69 13.83 2.27
C THR B 183 -10.01 15.31 2.12
N GLY B 184 -8.97 16.15 2.13
CA GLY B 184 -9.17 17.58 1.94
C GLY B 184 -9.36 18.43 3.17
N LEU B 185 -9.73 17.81 4.29
CA LEU B 185 -9.94 18.56 5.54
C LEU B 185 -8.62 18.95 6.19
N THR B 186 -8.59 20.13 6.80
CA THR B 186 -7.38 20.55 7.50
C THR B 186 -7.58 20.00 8.91
N LYS B 187 -6.55 20.07 9.75
CA LYS B 187 -6.66 19.53 11.10
C LYS B 187 -7.78 20.26 11.83
N ARG B 188 -7.76 21.58 11.67
CA ARG B 188 -8.70 22.53 12.25
C ARG B 188 -10.14 22.20 11.87
N GLN B 189 -10.34 21.91 10.58
CA GLN B 189 -11.66 21.59 10.09
C GLN B 189 -12.15 20.26 10.66
N GLY B 190 -11.22 19.32 10.84
CA GLY B 190 -11.60 18.05 11.42
C GLY B 190 -12.19 18.27 12.80
N ARG B 191 -11.57 19.16 13.57
CA ARG B 191 -12.08 19.46 14.90
C ARG B 191 -13.47 20.09 14.79
N ALA B 192 -13.66 20.90 13.74
CA ALA B 192 -14.95 21.54 13.52
C ALA B 192 -16.03 20.50 13.32
N LEU B 193 -15.74 19.46 12.54
CA LEU B 193 -16.74 18.41 12.31
C LEU B 193 -17.03 17.67 13.62
N LEU B 194 -16.00 17.43 14.42
CA LEU B 194 -16.19 16.74 15.69
C LEU B 194 -17.07 17.57 16.62
N GLN B 195 -16.89 18.89 16.59
CA GLN B 195 -17.69 19.76 17.42
C GLN B 195 -19.13 19.72 16.94
N GLU B 196 -19.33 19.69 15.63
CA GLU B 196 -20.67 19.62 15.07
C GLU B 196 -21.33 18.32 15.49
N LEU B 197 -20.54 17.25 15.59
CA LEU B 197 -21.04 15.94 15.99
C LEU B 197 -21.23 15.84 17.50
N GLY B 198 -20.90 16.91 18.22
CA GLY B 198 -21.06 16.93 19.65
C GLY B 198 -20.09 16.06 20.43
N ALA B 199 -18.86 15.98 19.95
CA ALA B 199 -17.84 15.17 20.60
C ALA B 199 -17.33 15.81 21.89
N ASP B 200 -16.96 14.99 22.86
CA ASP B 200 -16.42 15.49 24.12
C ASP B 200 -15.17 16.28 23.70
N GLU B 201 -15.01 17.48 24.23
CA GLU B 201 -13.87 18.32 23.85
C GLU B 201 -12.50 17.65 24.00
N ARG B 202 -12.40 16.66 24.87
CA ARG B 202 -11.14 15.97 25.06
C ARG B 202 -10.72 15.23 23.77
N LEU B 203 -11.71 14.83 22.97
CA LEU B 203 -11.43 14.10 21.74
C LEU B 203 -10.79 14.94 20.63
N TYR B 204 -10.99 16.27 20.65
CA TYR B 204 -10.35 17.11 19.63
C TYR B 204 -9.33 18.10 20.19
N LEU B 205 -9.16 18.13 21.51
CA LEU B 205 -8.16 19.02 22.10
C LEU B 205 -6.93 18.19 22.41
N LYS B 206 -7.05 16.88 22.25
CA LYS B 206 -5.95 15.97 22.51
C LYS B 206 -4.81 16.20 21.53
N MET B 207 -3.58 16.12 22.03
CA MET B 207 -2.37 16.32 21.24
C MET B 207 -2.21 15.24 20.16
N PRO B 208 -2.05 15.65 18.89
CA PRO B 208 -1.89 14.68 17.80
C PRO B 208 -0.58 13.90 17.94
N THR B 209 -0.64 12.59 17.75
CA THR B 209 0.56 11.78 17.87
C THR B 209 0.38 10.42 17.19
N ALA B 210 1.42 9.95 16.51
CA ALA B 210 1.37 8.64 15.85
C ALA B 210 1.69 7.58 16.89
N ASP B 211 2.38 7.99 17.95
CA ASP B 211 2.75 7.12 19.06
C ASP B 211 3.28 5.75 18.60
N LEU B 212 4.34 5.77 17.80
CA LEU B 212 4.92 4.53 17.31
C LEU B 212 6.28 4.18 17.92
N LEU B 213 6.90 5.13 18.62
CA LEU B 213 8.22 4.89 19.19
C LEU B 213 8.27 4.33 20.61
N ASP B 214 9.15 3.35 20.82
CA ASP B 214 9.31 2.75 22.14
C ASP B 214 10.01 3.73 23.07
N GLU B 215 11.03 4.42 22.53
CA GLU B 215 11.81 5.37 23.31
C GLU B 215 11.18 6.73 23.55
N LYS B 216 10.25 7.13 22.67
CA LYS B 216 9.59 8.42 22.81
C LYS B 216 8.11 8.25 22.57
N PRO B 217 7.43 7.46 23.40
CA PRO B 217 5.99 7.22 23.26
C PRO B 217 5.17 8.49 23.33
N GLY B 218 4.06 8.51 22.59
CA GLY B 218 3.19 9.68 22.60
C GLY B 218 3.84 10.95 22.09
N GLN B 219 4.91 10.84 21.31
CA GLN B 219 5.59 12.02 20.78
C GLN B 219 4.67 12.86 19.89
N ALA B 220 4.64 14.16 20.14
CA ALA B 220 3.79 15.06 19.36
C ALA B 220 4.21 15.12 17.90
N ASP B 221 3.23 15.19 16.99
CA ASP B 221 3.50 15.29 15.55
C ASP B 221 4.34 16.51 15.27
N GLU B 222 3.94 17.62 15.88
CA GLU B 222 4.60 18.90 15.70
C GLU B 222 6.08 18.85 16.05
N THR B 223 6.44 18.07 17.06
CA THR B 223 7.84 17.95 17.45
C THR B 223 8.62 17.27 16.34
N GLU B 224 8.02 16.23 15.76
CA GLU B 224 8.65 15.47 14.68
C GLU B 224 8.73 16.30 13.39
N LEU B 225 7.67 17.04 13.11
CA LEU B 225 7.60 17.86 11.92
C LEU B 225 8.35 19.19 11.98
N GLY B 226 8.38 19.80 13.15
CA GLY B 226 9.04 21.08 13.26
C GLY B 226 8.13 22.13 12.65
N ILE B 227 6.85 21.76 12.54
CA ILE B 227 5.81 22.62 11.99
C ILE B 227 4.56 22.35 12.84
N THR B 228 3.83 23.40 13.21
CA THR B 228 2.62 23.20 14.00
C THR B 228 1.43 23.02 13.06
N TYR B 229 0.36 22.41 13.56
CA TYR B 229 -0.82 22.21 12.73
C TYR B 229 -1.48 23.55 12.47
N ASP B 230 -1.25 24.49 13.38
CA ASP B 230 -1.80 25.83 13.24
C ASP B 230 -1.20 26.46 11.97
N GLN B 231 0.08 26.21 11.72
CA GLN B 231 0.75 26.74 10.54
C GLN B 231 0.34 25.99 9.27
N LEU B 232 0.23 24.66 9.37
CA LEU B 232 -0.16 23.86 8.22
C LEU B 232 -1.56 24.25 7.77
N ASP B 233 -2.49 24.38 8.71
CA ASP B 233 -3.86 24.74 8.36
C ASP B 233 -3.92 26.14 7.74
N ASP B 234 -3.16 27.09 8.28
CA ASP B 234 -3.16 28.44 7.71
C ASP B 234 -2.69 28.36 6.26
N TYR B 235 -1.60 27.64 6.03
CA TYR B 235 -1.04 27.48 4.69
C TYR B 235 -2.06 26.84 3.76
N LEU B 236 -2.64 25.73 4.21
CA LEU B 236 -3.63 24.99 3.42
C LEU B 236 -4.92 25.74 3.16
N GLU B 237 -5.30 26.62 4.09
CA GLU B 237 -6.54 27.36 3.93
C GLU B 237 -6.33 28.65 3.12
N GLY B 238 -5.12 28.80 2.58
CA GLY B 238 -4.81 29.95 1.74
C GLY B 238 -4.35 31.20 2.44
N LYS B 239 -4.07 31.12 3.74
CA LYS B 239 -3.62 32.29 4.49
C LYS B 239 -2.12 32.48 4.37
N THR B 240 -1.66 33.68 4.72
CA THR B 240 -0.24 33.99 4.65
C THR B 240 0.53 33.47 5.86
N VAL B 241 1.68 32.88 5.59
CA VAL B 241 2.53 32.38 6.66
C VAL B 241 3.94 32.88 6.37
N PRO B 242 4.81 32.91 7.38
CA PRO B 242 6.18 33.38 7.18
C PRO B 242 6.83 32.62 6.02
N ALA B 243 7.63 33.32 5.23
CA ALA B 243 8.29 32.73 4.07
C ALA B 243 9.05 31.45 4.40
N ASP B 244 9.73 31.42 5.54
CA ASP B 244 10.50 30.26 5.94
C ASP B 244 9.62 29.06 6.29
N VAL B 245 8.42 29.33 6.79
CA VAL B 245 7.49 28.27 7.13
C VAL B 245 6.94 27.66 5.85
N ALA B 246 6.57 28.52 4.91
CA ALA B 246 6.04 28.08 3.63
C ALA B 246 7.09 27.24 2.89
N GLU B 247 8.35 27.64 2.98
CA GLU B 247 9.42 26.91 2.30
C GLU B 247 9.54 25.49 2.83
N LYS B 248 9.52 25.35 4.16
CA LYS B 248 9.63 24.04 4.79
C LYS B 248 8.47 23.12 4.41
N ILE B 249 7.27 23.69 4.35
CA ILE B 249 6.08 22.94 3.99
C ILE B 249 6.16 22.47 2.55
N GLU B 250 6.50 23.40 1.66
CA GLU B 250 6.61 23.10 0.24
C GLU B 250 7.71 22.09 -0.10
N LYS B 251 8.82 22.15 0.63
CA LYS B 251 9.90 21.22 0.38
C LYS B 251 9.46 19.81 0.81
N ARG B 252 8.80 19.72 1.95
CA ARG B 252 8.33 18.44 2.45
C ARG B 252 7.30 17.85 1.47
N TYR B 253 6.43 18.70 0.94
CA TYR B 253 5.41 18.25 -0.02
C TYR B 253 6.06 17.66 -1.27
N THR B 254 6.98 18.41 -1.87
CA THR B 254 7.64 17.94 -3.09
C THR B 254 8.43 16.63 -2.95
N VAL B 255 9.14 16.47 -1.84
CA VAL B 255 9.94 15.26 -1.67
C VAL B 255 9.13 14.03 -1.27
N SER B 256 7.91 14.23 -0.76
CA SER B 256 7.06 13.12 -0.33
C SER B 256 6.02 12.72 -1.38
N GLU B 257 6.15 13.24 -2.60
CA GLU B 257 5.19 12.94 -3.65
C GLU B 257 4.98 11.45 -3.90
N HIS B 258 6.03 10.65 -3.78
CA HIS B 258 5.92 9.23 -4.03
C HIS B 258 4.91 8.55 -3.09
N LYS B 259 4.65 9.16 -1.93
CA LYS B 259 3.70 8.58 -0.99
C LYS B 259 2.27 8.85 -1.41
N ARG B 260 2.08 9.86 -2.26
CA ARG B 260 0.74 10.20 -2.72
C ARG B 260 0.46 9.66 -4.13
N GLN B 261 1.29 8.73 -4.58
CA GLN B 261 1.12 8.14 -5.90
C GLN B 261 1.27 6.62 -5.83
N VAL B 262 0.73 5.90 -6.82
CA VAL B 262 0.90 4.45 -6.83
C VAL B 262 2.39 4.27 -7.16
N PRO B 263 2.94 3.06 -6.99
CA PRO B 263 4.36 2.82 -7.28
C PRO B 263 4.77 3.40 -8.62
N ALA B 264 5.96 3.97 -8.70
CA ALA B 264 6.43 4.60 -9.93
C ALA B 264 6.90 3.64 -11.01
N SER B 265 6.64 4.01 -12.27
CA SER B 265 7.07 3.21 -13.41
C SER B 265 7.71 4.20 -14.39
N MET B 266 8.42 3.70 -15.40
CA MET B 266 9.06 4.61 -16.35
C MET B 266 8.06 5.43 -17.16
N PHE B 267 6.78 5.13 -17.05
CA PHE B 267 5.77 5.87 -17.81
C PHE B 267 5.15 7.03 -17.04
N ASP B 268 5.45 7.13 -15.75
CA ASP B 268 4.89 8.21 -14.93
C ASP B 268 5.76 9.45 -15.05
N ASP B 269 5.13 10.62 -15.06
CA ASP B 269 5.85 11.89 -15.18
C ASP B 269 6.16 12.59 -13.87
N TRP B 270 5.32 12.38 -12.85
CA TRP B 270 5.53 13.06 -11.58
C TRP B 270 6.94 12.94 -11.00
N TRP B 271 7.55 11.76 -11.05
CA TRP B 271 8.89 11.63 -10.50
C TRP B 271 9.95 12.29 -11.38
N LYS B 272 9.70 12.35 -12.69
CA LYS B 272 10.64 12.97 -13.61
C LYS B 272 10.61 14.48 -13.40
N LEU B 273 9.42 15.00 -13.12
CA LEU B 273 9.23 16.43 -12.88
C LEU B 273 9.86 16.84 -11.55
N ALA B 274 9.75 15.96 -10.56
CA ALA B 274 10.31 16.23 -9.24
C ALA B 274 11.81 16.42 -9.32
N ALA B 275 12.33 17.44 -8.64
CA ALA B 275 13.76 17.71 -8.64
C ALA B 275 14.47 16.78 -7.66
N ALA B 276 13.69 16.20 -6.75
CA ALA B 276 14.23 15.29 -5.74
C ALA B 276 13.13 14.60 -4.94
N LEU B 277 13.37 13.37 -4.52
CA LEU B 277 12.41 12.61 -3.74
C LEU B 277 13.11 12.09 -2.48
N GLU B 278 12.35 11.92 -1.40
CA GLU B 278 12.93 11.46 -0.14
C GLU B 278 12.17 10.27 0.44
N HIS B 279 12.85 9.13 0.53
CA HIS B 279 12.24 7.92 1.06
C HIS B 279 12.70 7.63 2.49
N HIS B 280 13.88 8.13 2.82
CA HIS B 280 14.46 7.92 4.14
C HIS B 280 14.69 9.25 4.84
#